data_2STW
#
_entry.id   2STW
#
_cell.length_a   1.000
_cell.length_b   1.000
_cell.length_c   1.000
_cell.angle_alpha   90.00
_cell.angle_beta   90.00
_cell.angle_gamma   90.00
#
_symmetry.space_group_name_H-M   'P 1'
#
loop_
_entity.id
_entity.type
_entity.pdbx_description
1 polymer "DNA (5'-D(*TP*CP*GP*AP*GP*CP*CP*GP*GP*AP*AP*GP*TP*TP*CP*GP*A)-3')"
2 polymer "DNA (5'-D(*TP*CP*GP*AP*AP*CP*TP*TP*CP*CP*GP*GP*CP*TP*CP*GP*A)-3')"
3 polymer ETS1
#
loop_
_entity_poly.entity_id
_entity_poly.type
_entity_poly.pdbx_seq_one_letter_code
_entity_poly.pdbx_strand_id
1 'polydeoxyribonucleotide' (DT)(DC)(DG)(DA)(DG)(DC)(DC)(DG)(DG)(DA)(DA)(DG)(DT)(DT)(DC)(DG)(DA) B
2 'polydeoxyribonucleotide' (DT)(DC)(DG)(DA)(DA)(DC)(DT)(DT)(DC)(DC)(DG)(DG)(DC)(DT)(DC)(DG)(DA) C
3 'polypeptide(L)'
;VIPAAALAGYTGSGPIQLWQFLLELLTDKSCQSFISWTGDGWEFKLSDPDEVARRWGKRKNKPKMNYEKLSRGLRYYYDK
NIIHKTAGKRYVYRFV
;
A
#
# COMPACT_ATOMS: atom_id res chain seq x y z
N VAL C 1 7.49 13.99 -4.54
CA VAL C 1 6.29 13.14 -4.75
C VAL C 1 6.50 11.81 -3.98
N ILE C 2 7.39 11.83 -3.03
CA ILE C 2 7.63 10.65 -2.17
C ILE C 2 7.64 11.14 -0.71
N PRO C 3 6.62 11.88 -0.34
CA PRO C 3 6.54 12.44 1.02
C PRO C 3 6.45 11.29 2.02
N ALA C 4 6.41 10.08 1.54
CA ALA C 4 6.33 8.94 2.50
C ALA C 4 7.48 9.05 3.49
N ALA C 5 8.69 8.89 3.02
CA ALA C 5 9.87 9.00 3.92
C ALA C 5 9.91 10.38 4.58
N ALA C 6 9.33 11.38 3.96
CA ALA C 6 9.35 12.75 4.57
C ALA C 6 8.20 12.88 5.57
N LEU C 7 7.09 12.25 5.28
CA LEU C 7 5.93 12.28 6.21
C LEU C 7 6.23 11.33 7.30
N ALA C 8 6.62 10.16 6.92
CA ALA C 8 6.95 9.19 7.92
C ALA C 8 8.09 9.80 8.70
N GLY C 9 9.28 9.84 8.14
CA GLY C 9 10.42 10.40 8.91
C GLY C 9 10.42 9.63 10.23
N TYR C 10 9.55 8.66 10.26
CA TYR C 10 9.35 7.79 11.40
C TYR C 10 10.60 6.95 11.37
N THR C 11 11.39 7.12 12.37
CA THR C 11 12.74 6.49 12.39
C THR C 11 12.69 5.01 12.66
N GLY C 12 13.87 4.43 12.76
CA GLY C 12 13.99 2.99 13.05
C GLY C 12 13.48 2.77 14.47
N SER C 13 12.33 3.28 14.76
CA SER C 13 11.74 3.11 16.11
C SER C 13 11.00 1.79 16.05
N GLY C 14 11.69 0.80 15.56
CA GLY C 14 11.10 -0.54 15.39
C GLY C 14 10.50 -0.59 13.97
N PRO C 15 10.46 -1.75 13.36
CA PRO C 15 9.89 -1.86 12.00
C PRO C 15 8.48 -1.26 12.00
N ILE C 16 8.06 -0.71 10.90
CA ILE C 16 6.69 -0.12 10.88
C ILE C 16 5.66 -1.22 10.84
N GLN C 17 4.45 -0.91 11.16
CA GLN C 17 3.40 -1.94 11.08
C GLN C 17 2.97 -2.00 9.63
N LEU C 18 2.82 -3.17 9.10
CA LEU C 18 2.43 -3.30 7.66
C LEU C 18 1.34 -2.30 7.28
N TRP C 19 0.11 -2.57 7.64
CA TRP C 19 -1.00 -1.68 7.22
C TRP C 19 -0.80 -0.23 7.67
N GLN C 20 -0.31 0.02 8.86
CA GLN C 20 -0.13 1.45 9.26
C GLN C 20 0.67 2.16 8.18
N PHE C 21 1.75 1.58 7.72
CA PHE C 21 2.55 2.20 6.64
C PHE C 21 1.67 2.35 5.39
N LEU C 22 1.12 1.27 4.92
CA LEU C 22 0.26 1.32 3.71
C LEU C 22 -0.88 2.29 3.95
N LEU C 23 -1.49 2.25 5.10
CA LEU C 23 -2.61 3.18 5.38
C LEU C 23 -2.08 4.62 5.44
N GLU C 24 -0.88 4.82 5.94
CA GLU C 24 -0.34 6.21 5.99
C GLU C 24 -0.07 6.68 4.56
N LEU C 25 0.46 5.81 3.74
CA LEU C 25 0.75 6.19 2.32
C LEU C 25 -0.59 6.31 1.57
N LEU C 26 -1.62 5.69 2.06
CA LEU C 26 -2.92 5.77 1.37
C LEU C 26 -3.47 7.20 1.46
N THR C 27 -3.89 7.61 2.63
CA THR C 27 -4.42 8.99 2.80
C THR C 27 -3.23 9.93 2.78
N ASP C 28 -2.46 9.90 1.72
CA ASP C 28 -1.22 10.74 1.66
C ASP C 28 -1.24 11.79 0.53
N LYS C 29 -0.18 11.86 -0.23
CA LYS C 29 -0.03 12.90 -1.29
C LYS C 29 -1.13 12.79 -2.36
N SER C 30 -0.84 13.09 -3.60
CA SER C 30 -1.91 13.07 -4.64
C SER C 30 -2.43 11.65 -4.86
N CYS C 31 -1.63 10.77 -5.42
CA CYS C 31 -2.04 9.36 -5.68
C CYS C 31 -2.81 9.31 -6.99
N GLN C 32 -2.83 10.39 -7.71
CA GLN C 32 -3.54 10.45 -9.01
C GLN C 32 -2.55 10.10 -10.14
N SER C 33 -1.30 10.47 -9.97
CA SER C 33 -0.29 10.22 -11.04
C SER C 33 0.28 8.80 -10.98
N PHE C 34 0.15 8.11 -9.86
CA PHE C 34 0.73 6.71 -9.78
C PHE C 34 -0.35 5.72 -9.37
N ILE C 35 -1.53 6.17 -9.11
CA ILE C 35 -2.59 5.22 -8.69
C ILE C 35 -3.97 5.91 -8.78
N SER C 36 -5.01 5.31 -8.24
CA SER C 36 -6.37 5.96 -8.32
C SER C 36 -7.02 6.02 -6.93
N TRP C 37 -7.25 7.23 -6.46
CA TRP C 37 -7.90 7.45 -5.12
C TRP C 37 -9.26 8.14 -5.37
N THR C 38 -10.36 7.44 -5.35
CA THR C 38 -11.66 8.13 -5.59
C THR C 38 -11.79 9.25 -4.56
N GLY C 39 -12.62 10.22 -4.84
CA GLY C 39 -12.83 11.36 -3.88
C GLY C 39 -14.25 11.25 -3.33
N ASP C 40 -14.63 10.10 -2.86
CA ASP C 40 -16.02 9.92 -2.32
C ASP C 40 -15.95 9.26 -0.91
N GLY C 41 -16.42 8.04 -0.74
CA GLY C 41 -16.40 7.41 0.60
C GLY C 41 -15.02 6.80 0.88
N TRP C 42 -14.84 5.53 0.62
CA TRP C 42 -13.51 4.91 0.89
C TRP C 42 -13.25 3.76 -0.09
N GLU C 43 -12.89 4.07 -1.30
CA GLU C 43 -12.58 3.02 -2.31
C GLU C 43 -11.15 3.27 -2.79
N PHE C 44 -10.34 2.26 -2.85
CA PHE C 44 -8.92 2.46 -3.27
C PHE C 44 -8.52 1.38 -4.29
N LYS C 45 -8.17 1.78 -5.50
CA LYS C 45 -7.74 0.77 -6.52
C LYS C 45 -6.27 0.99 -6.88
N LEU C 46 -5.59 -0.07 -7.13
CA LEU C 46 -4.16 0.00 -7.50
C LEU C 46 -4.05 0.01 -9.04
N SER C 47 -4.00 1.17 -9.63
CA SER C 47 -3.88 1.24 -11.12
C SER C 47 -2.45 0.91 -11.56
N ASP C 48 -1.48 1.64 -11.08
CA ASP C 48 -0.06 1.37 -11.49
C ASP C 48 0.88 1.49 -10.28
N PRO C 49 0.90 0.49 -9.43
CA PRO C 49 1.79 0.49 -8.25
C PRO C 49 3.24 0.25 -8.71
N ASP C 50 3.72 1.02 -9.65
CA ASP C 50 5.10 0.82 -10.14
C ASP C 50 6.10 1.28 -9.06
N GLU C 51 5.82 2.38 -8.42
CA GLU C 51 6.74 2.87 -7.35
C GLU C 51 6.42 2.17 -6.04
N VAL C 52 5.16 1.95 -5.79
CA VAL C 52 4.76 1.28 -4.54
C VAL C 52 5.28 -0.16 -4.57
N ALA C 53 5.01 -0.86 -5.64
CA ALA C 53 5.45 -2.27 -5.72
C ALA C 53 6.97 -2.38 -5.54
N ARG C 54 7.75 -1.51 -6.14
CA ARG C 54 9.23 -1.67 -5.95
C ARG C 54 9.65 -1.14 -4.56
N ARG C 55 8.93 -0.21 -3.98
CA ARG C 55 9.32 0.23 -2.61
C ARG C 55 9.06 -0.94 -1.66
N TRP C 56 7.97 -1.63 -1.87
CA TRP C 56 7.63 -2.78 -0.99
C TRP C 56 8.79 -3.78 -0.95
N GLY C 57 9.35 -4.09 -2.09
CA GLY C 57 10.48 -5.07 -2.12
C GLY C 57 11.80 -4.40 -1.75
N LYS C 58 11.90 -3.11 -1.90
CA LYS C 58 13.17 -2.42 -1.56
C LYS C 58 13.40 -2.46 -0.03
N ARG C 59 12.37 -2.24 0.73
CA ARG C 59 12.52 -2.25 2.21
C ARG C 59 13.20 -3.53 2.64
N LYS C 60 13.11 -4.54 1.85
CA LYS C 60 13.72 -5.85 2.19
C LYS C 60 15.02 -6.03 1.41
N ASN C 61 15.59 -4.94 0.98
CA ASN C 61 16.86 -5.02 0.20
C ASN C 61 16.68 -5.95 -1.00
N LYS C 62 15.46 -6.20 -1.39
CA LYS C 62 15.23 -7.07 -2.58
C LYS C 62 15.00 -6.11 -3.78
N PRO C 63 15.76 -6.27 -4.86
CA PRO C 63 15.66 -5.33 -6.01
C PRO C 63 14.25 -5.27 -6.61
N LYS C 64 13.73 -6.39 -7.05
CA LYS C 64 12.39 -6.36 -7.72
C LYS C 64 11.45 -7.39 -7.16
N MET C 65 10.23 -6.98 -6.93
CA MET C 65 9.19 -7.88 -6.42
C MET C 65 7.91 -7.65 -7.21
N ASN C 66 7.47 -8.65 -7.93
CA ASN C 66 6.24 -8.48 -8.74
C ASN C 66 5.07 -8.21 -7.80
N TYR C 67 3.96 -7.80 -8.35
CA TYR C 67 2.78 -7.47 -7.54
C TYR C 67 2.11 -8.75 -7.03
N GLU C 68 2.41 -9.87 -7.63
CA GLU C 68 1.78 -11.14 -7.17
C GLU C 68 2.02 -11.30 -5.67
N LYS C 69 3.16 -10.86 -5.22
CA LYS C 69 3.49 -10.97 -3.76
C LYS C 69 2.40 -10.39 -2.91
N LEU C 70 2.08 -9.16 -3.15
CA LEU C 70 1.07 -8.49 -2.32
C LEU C 70 -0.21 -9.33 -2.36
N SER C 71 -0.64 -9.75 -3.50
CA SER C 71 -1.84 -10.63 -3.54
C SER C 71 -1.53 -11.87 -2.70
N ARG C 72 -0.26 -12.07 -2.45
CA ARG C 72 0.21 -13.26 -1.66
C ARG C 72 0.24 -12.94 -0.15
N GLY C 73 1.21 -12.16 0.27
CA GLY C 73 1.35 -11.83 1.71
C GLY C 73 0.19 -10.97 2.17
N LEU C 74 -0.28 -10.07 1.35
CA LEU C 74 -1.40 -9.20 1.80
C LEU C 74 -2.62 -10.07 2.01
N ARG C 75 -2.83 -11.02 1.14
CA ARG C 75 -4.00 -11.93 1.32
C ARG C 75 -3.87 -12.60 2.69
N TYR C 76 -2.85 -13.40 2.90
CA TYR C 76 -2.68 -14.07 4.22
C TYR C 76 -2.81 -13.05 5.36
N TYR C 77 -2.87 -11.78 5.04
CA TYR C 77 -2.96 -10.74 6.09
C TYR C 77 -4.39 -10.65 6.67
N TYR C 78 -5.26 -11.58 6.36
CA TYR C 78 -6.64 -11.49 6.93
C TYR C 78 -6.60 -11.93 8.40
N ASP C 79 -5.50 -11.74 9.07
CA ASP C 79 -5.43 -12.17 10.50
C ASP C 79 -6.13 -11.15 11.37
N LYS C 80 -6.08 -9.91 11.01
CA LYS C 80 -6.76 -8.85 11.80
C LYS C 80 -7.74 -8.10 10.94
N ASN C 81 -8.73 -7.54 11.54
CA ASN C 81 -9.73 -6.76 10.77
C ASN C 81 -9.11 -5.40 10.49
N ILE C 82 -8.41 -5.29 9.39
CA ILE C 82 -7.76 -4.00 9.05
C ILE C 82 -7.92 -3.71 7.56
N ILE C 83 -7.41 -4.56 6.70
CA ILE C 83 -7.56 -4.33 5.22
C ILE C 83 -8.14 -5.57 4.56
N HIS C 84 -9.26 -5.39 3.90
CA HIS C 84 -9.90 -6.52 3.18
C HIS C 84 -9.91 -6.19 1.69
N LYS C 85 -9.67 -7.16 0.84
CA LYS C 85 -9.66 -6.86 -0.62
C LYS C 85 -11.09 -6.95 -1.16
N THR C 86 -11.39 -6.24 -2.21
CA THR C 86 -12.78 -6.22 -2.75
C THR C 86 -13.01 -7.35 -3.77
N ALA C 87 -14.16 -7.96 -3.71
CA ALA C 87 -14.49 -9.07 -4.66
C ALA C 87 -15.00 -8.48 -5.97
N GLY C 88 -14.78 -7.21 -6.18
CA GLY C 88 -15.24 -6.57 -7.45
C GLY C 88 -14.27 -6.96 -8.56
N LYS C 89 -13.12 -6.34 -8.60
CA LYS C 89 -12.10 -6.66 -9.63
C LYS C 89 -10.93 -7.34 -8.92
N ARG C 90 -9.70 -7.04 -9.30
CA ARG C 90 -8.52 -7.69 -8.64
C ARG C 90 -7.59 -6.62 -8.09
N TYR C 91 -7.44 -5.54 -8.81
CA TYR C 91 -6.54 -4.45 -8.33
C TYR C 91 -7.32 -3.53 -7.41
N VAL C 92 -8.52 -3.93 -7.03
CA VAL C 92 -9.34 -3.08 -6.13
C VAL C 92 -9.05 -3.47 -4.68
N TYR C 93 -8.50 -2.57 -3.92
CA TYR C 93 -8.20 -2.85 -2.49
C TYR C 93 -9.11 -1.99 -1.63
N ARG C 94 -9.31 -2.36 -0.40
CA ARG C 94 -10.22 -1.56 0.46
C ARG C 94 -9.82 -1.72 1.92
N PHE C 95 -10.29 -0.83 2.76
CA PHE C 95 -9.93 -0.92 4.21
C PHE C 95 -11.18 -0.69 5.07
N VAL C 96 -11.20 -1.29 6.24
CA VAL C 96 -12.37 -1.15 7.16
C VAL C 96 -11.93 -0.35 8.39
#